data_1JHD
#
_entry.id   1JHD
#
_cell.length_a   59.561
_cell.length_b   75.546
_cell.length_c   95.853
_cell.angle_alpha   90.00
_cell.angle_beta   90.00
_cell.angle_gamma   90.00
#
_symmetry.space_group_name_H-M   'P 21 21 2'
#
loop_
_entity.id
_entity.type
_entity.pdbx_description
1 polymer 'SULFATE ADENYLYLTRANSFERASE'
2 non-polymer 'SULFATE ION'
3 non-polymer 'BROMIDE ION'
4 water water
#
_entity_poly.entity_id   1
_entity_poly.type   'polypeptide(L)'
_entity_poly.pdbx_seq_one_letter_code
;MIKPVGSDELKPLFVYDPEEHHKLSHEAESLPSVVISSQAAGNAVMMGAGYFSPLQGFMNVADAMGAAEKMTLSDGSFFP
VPVLCLLENTDAIGDAKRIALRDPNVEGNPVLAVMDIEAIEEVSDEQMAVMTDKVYRTTDMDHIGVKTFNSQGRVAVSGP
IQVLNFSYFQADFPDTFRTAVEIRNEIKEHGWSKVVAFQTRNPMHRAHEELCRMAMESLDADGVVVHMLLGKLKKGDIPA
PVRDAAIRTMAEVYFPPNTVMVTGYGFDMLYAGPREAVLHAYFRQNMGATHFIIGRDHAGVGDYYGAFDAQTIFDDEVPE
GAMEIEIFRADHTAYSKKLNKIVMMRDVPDHTKEDFVLLSGTKVREMLGQGIAPPPEFSRPEVAKILMDYYQSINS
;
_entity_poly.pdbx_strand_id   A
#
loop_
_chem_comp.id
_chem_comp.type
_chem_comp.name
_chem_comp.formula
BR non-polymer 'BROMIDE ION' 'Br -1'
SO4 non-polymer 'SULFATE ION' 'O4 S -2'
#
# COMPACT_ATOMS: atom_id res chain seq x y z
N MET A 1 0.25 -22.01 4.36
CA MET A 1 0.22 -20.55 4.70
C MET A 1 -1.14 -20.08 4.18
N ILE A 2 -1.59 -18.84 4.47
CA ILE A 2 -2.92 -18.41 3.94
C ILE A 2 -2.88 -18.39 2.41
N LYS A 3 -3.97 -18.83 1.77
CA LYS A 3 -3.97 -18.88 0.31
C LYS A 3 -4.04 -17.47 -0.26
N PRO A 4 -3.67 -17.35 -1.54
CA PRO A 4 -3.73 -16.06 -2.22
C PRO A 4 -5.23 -15.75 -2.43
N VAL A 5 -5.55 -14.53 -2.82
CA VAL A 5 -6.94 -14.22 -3.07
C VAL A 5 -7.33 -14.70 -4.47
N GLY A 6 -8.36 -15.55 -4.56
CA GLY A 6 -8.84 -15.92 -5.89
C GLY A 6 -8.10 -17.01 -6.67
N SER A 7 -7.08 -17.59 -6.08
CA SER A 7 -6.33 -18.68 -6.70
C SER A 7 -5.59 -19.46 -5.61
N ASP A 8 -4.99 -20.61 -5.97
CA ASP A 8 -4.26 -21.36 -5.00
C ASP A 8 -2.79 -20.93 -4.91
N GLU A 9 -2.28 -20.40 -6.02
CA GLU A 9 -0.91 -19.91 -6.09
C GLU A 9 -0.86 -18.49 -6.64
N LEU A 10 0.13 -17.72 -6.21
CA LEU A 10 0.19 -16.36 -6.76
C LEU A 10 0.52 -16.40 -8.25
N LYS A 11 0.05 -15.42 -8.98
CA LYS A 11 0.28 -15.32 -10.44
C LYS A 11 0.95 -13.98 -10.78
N PRO A 12 2.19 -13.75 -10.29
CA PRO A 12 2.83 -12.46 -10.59
C PRO A 12 3.11 -12.34 -12.07
N LEU A 13 3.13 -11.10 -12.54
CA LEU A 13 3.38 -10.86 -13.96
C LEU A 13 4.83 -10.52 -14.30
N PHE A 14 5.69 -10.39 -13.30
CA PHE A 14 7.13 -10.24 -13.57
C PHE A 14 7.66 -11.50 -14.33
N VAL A 15 8.56 -11.28 -15.29
CA VAL A 15 9.13 -12.38 -16.04
C VAL A 15 10.32 -12.98 -15.31
N TYR A 16 10.01 -13.95 -14.46
CA TYR A 16 11.07 -14.56 -13.64
C TYR A 16 12.07 -15.39 -14.41
N ASP A 17 11.68 -15.94 -15.55
CA ASP A 17 12.72 -16.71 -16.27
C ASP A 17 13.65 -15.71 -16.95
N PRO A 18 14.92 -15.71 -16.58
CA PRO A 18 15.89 -14.77 -17.14
C PRO A 18 16.01 -14.77 -18.68
N GLU A 19 15.98 -15.98 -19.27
CA GLU A 19 16.09 -16.05 -20.73
C GLU A 19 14.89 -15.36 -21.39
N GLU A 20 13.69 -15.66 -20.90
CA GLU A 20 12.53 -15.01 -21.48
C GLU A 20 12.54 -13.52 -21.16
N HIS A 21 13.04 -13.14 -19.96
CA HIS A 21 13.13 -11.75 -19.58
C HIS A 21 14.04 -10.98 -20.58
N HIS A 22 15.21 -11.53 -20.88
CA HIS A 22 16.12 -10.84 -21.80
C HIS A 22 15.48 -10.72 -23.19
N LYS A 23 14.85 -11.80 -23.61
CA LYS A 23 14.15 -11.83 -24.91
C LYS A 23 13.12 -10.71 -24.99
N LEU A 24 12.25 -10.61 -23.97
CA LEU A 24 11.24 -9.54 -23.96
C LEU A 24 11.79 -8.14 -23.85
N SER A 25 12.81 -7.95 -23.02
CA SER A 25 13.41 -6.64 -22.90
C SER A 25 13.92 -6.25 -24.28
N HIS A 26 14.53 -7.21 -24.99
CA HIS A 26 15.09 -6.89 -26.33
C HIS A 26 13.97 -6.56 -27.31
N GLU A 27 12.93 -7.39 -27.35
CA GLU A 27 11.80 -7.11 -28.23
C GLU A 27 11.16 -5.76 -27.91
N ALA A 28 10.99 -5.50 -26.63
CA ALA A 28 10.36 -4.26 -26.20
C ALA A 28 10.95 -3.00 -26.76
N GLU A 29 12.26 -2.96 -26.88
CA GLU A 29 12.91 -1.76 -27.37
C GLU A 29 12.57 -1.44 -28.83
N SER A 30 12.00 -2.39 -29.57
CA SER A 30 11.63 -2.18 -30.96
C SER A 30 10.13 -1.98 -31.14
N LEU A 31 9.37 -2.08 -30.06
CA LEU A 31 7.94 -1.94 -30.18
C LEU A 31 7.40 -0.50 -30.11
N PRO A 32 6.18 -0.26 -30.70
CA PRO A 32 5.64 1.09 -30.58
C PRO A 32 5.46 1.16 -29.05
N SER A 33 5.59 2.36 -28.48
CA SER A 33 5.52 2.49 -27.01
C SER A 33 4.78 3.75 -26.61
N VAL A 34 4.42 3.84 -25.32
CA VAL A 34 3.73 5.00 -24.81
C VAL A 34 4.12 5.14 -23.32
N VAL A 35 4.24 6.36 -22.86
CA VAL A 35 4.55 6.62 -21.45
C VAL A 35 3.21 6.63 -20.74
N ILE A 36 3.03 5.70 -19.79
CA ILE A 36 1.76 5.64 -19.10
C ILE A 36 1.75 6.58 -17.89
N SER A 37 0.60 6.68 -17.23
CA SER A 37 0.46 7.53 -16.05
C SER A 37 1.16 6.90 -14.87
N SER A 38 1.44 7.73 -13.88
CA SER A 38 2.13 7.20 -12.69
C SER A 38 1.21 6.15 -12.05
N GLN A 39 -0.11 6.41 -12.08
CA GLN A 39 -1.09 5.45 -11.52
C GLN A 39 -1.00 4.09 -12.24
N ALA A 40 -1.03 4.13 -13.57
CA ALA A 40 -0.95 2.89 -14.36
C ALA A 40 0.38 2.17 -14.10
N ALA A 41 1.47 2.93 -13.94
CA ALA A 41 2.76 2.33 -13.67
C ALA A 41 2.77 1.57 -12.34
N GLY A 42 2.21 2.21 -11.31
CA GLY A 42 2.13 1.59 -9.96
C GLY A 42 1.23 0.36 -10.08
N ASN A 43 0.15 0.44 -10.86
CA ASN A 43 -0.74 -0.72 -11.04
C ASN A 43 0.10 -1.86 -11.66
N ALA A 44 0.90 -1.54 -12.66
CA ALA A 44 1.72 -2.58 -13.29
C ALA A 44 2.74 -3.20 -12.32
N VAL A 45 3.39 -2.36 -11.52
CA VAL A 45 4.35 -2.88 -10.54
C VAL A 45 3.65 -3.80 -9.56
N MET A 46 2.47 -3.39 -9.08
CA MET A 46 1.75 -4.26 -8.14
C MET A 46 1.35 -5.59 -8.80
N MET A 47 0.96 -5.54 -10.07
CA MET A 47 0.62 -6.80 -10.74
C MET A 47 1.92 -7.58 -10.99
N GLY A 48 2.99 -6.88 -11.37
CA GLY A 48 4.24 -7.62 -11.63
C GLY A 48 4.77 -8.32 -10.36
N ALA A 49 4.57 -7.67 -9.21
CA ALA A 49 5.05 -8.21 -7.93
C ALA A 49 4.10 -9.21 -7.26
N GLY A 50 2.94 -9.49 -7.85
CA GLY A 50 2.09 -10.49 -7.24
C GLY A 50 1.06 -9.93 -6.26
N TYR A 51 1.18 -8.64 -5.96
CA TYR A 51 0.24 -8.03 -4.99
C TYR A 51 -1.18 -8.02 -5.48
N PHE A 52 -1.38 -7.84 -6.80
CA PHE A 52 -2.73 -7.81 -7.30
C PHE A 52 -3.12 -9.16 -7.92
N SER A 53 -2.51 -10.24 -7.47
CA SER A 53 -2.85 -11.58 -8.03
C SER A 53 -4.34 -11.79 -7.80
N PRO A 54 -5.05 -12.44 -8.76
CA PRO A 54 -4.55 -13.07 -9.99
C PRO A 54 -4.76 -12.20 -11.25
N LEU A 55 -4.86 -10.88 -11.11
CA LEU A 55 -5.10 -10.05 -12.34
C LEU A 55 -4.02 -10.25 -13.38
N GLN A 56 -4.43 -10.34 -14.64
CA GLN A 56 -3.46 -10.62 -15.70
C GLN A 56 -3.04 -9.43 -16.51
N GLY A 57 -3.60 -8.27 -16.19
CA GLY A 57 -3.27 -7.05 -16.91
C GLY A 57 -4.32 -5.98 -16.64
N PHE A 58 -4.33 -4.97 -17.52
CA PHE A 58 -5.25 -3.85 -17.32
C PHE A 58 -6.66 -4.16 -17.66
N MET A 59 -7.58 -3.71 -16.81
CA MET A 59 -9.01 -3.99 -17.00
C MET A 59 -9.68 -3.21 -18.12
N ASN A 60 -10.70 -3.86 -18.69
CA ASN A 60 -11.52 -3.13 -19.64
C ASN A 60 -12.56 -2.37 -18.82
N VAL A 61 -13.37 -1.53 -19.46
CA VAL A 61 -14.35 -0.75 -18.72
C VAL A 61 -15.37 -1.61 -17.98
N ALA A 62 -15.83 -2.72 -18.56
CA ALA A 62 -16.81 -3.57 -17.84
C ALA A 62 -16.24 -4.06 -16.49
N ASP A 63 -15.01 -4.57 -16.50
CA ASP A 63 -14.41 -5.01 -15.23
C ASP A 63 -14.17 -3.84 -14.25
N ALA A 64 -13.72 -2.69 -14.76
CA ALA A 64 -13.46 -1.57 -13.86
C ALA A 64 -14.78 -1.10 -13.24
N MET A 65 -15.85 -1.05 -14.03
CA MET A 65 -17.13 -0.68 -13.48
C MET A 65 -17.62 -1.68 -12.43
N GLY A 66 -17.36 -2.98 -12.67
CA GLY A 66 -17.78 -4.00 -11.75
C GLY A 66 -16.99 -3.86 -10.44
N ALA A 67 -15.67 -3.65 -10.54
CA ALA A 67 -14.85 -3.43 -9.30
C ALA A 67 -15.42 -2.21 -8.54
N ALA A 68 -15.71 -1.12 -9.26
CA ALA A 68 -16.21 0.07 -8.59
C ALA A 68 -17.60 -0.13 -7.99
N GLU A 69 -18.54 -0.65 -8.77
CA GLU A 69 -19.89 -0.78 -8.26
C GLU A 69 -20.13 -1.93 -7.26
N LYS A 70 -19.46 -3.06 -7.47
CA LYS A 70 -19.76 -4.20 -6.62
C LYS A 70 -18.51 -4.96 -6.16
N MET A 71 -17.32 -4.36 -6.34
CA MET A 71 -16.06 -5.04 -6.02
C MET A 71 -16.07 -6.41 -6.69
N THR A 72 -16.72 -6.51 -7.85
CA THR A 72 -16.83 -7.81 -8.52
C THR A 72 -16.57 -7.70 -10.00
N LEU A 73 -15.67 -8.53 -10.53
CA LEU A 73 -15.31 -8.44 -11.93
C LEU A 73 -16.31 -9.22 -12.82
N SER A 74 -16.16 -9.08 -14.12
CA SER A 74 -17.06 -9.75 -15.04
C SER A 74 -17.06 -11.30 -14.93
N ASP A 75 -16.04 -11.90 -14.32
CA ASP A 75 -16.00 -13.34 -14.13
C ASP A 75 -16.51 -13.75 -12.74
N GLY A 76 -17.04 -12.77 -11.99
CA GLY A 76 -17.55 -13.00 -10.65
C GLY A 76 -16.48 -12.93 -9.56
N SER A 77 -15.20 -12.71 -9.92
CA SER A 77 -14.13 -12.69 -8.90
C SER A 77 -14.17 -11.37 -8.18
N PHE A 78 -13.56 -11.35 -6.98
CA PHE A 78 -13.50 -10.16 -6.14
C PHE A 78 -12.30 -9.27 -6.42
N PHE A 79 -12.55 -7.97 -6.58
CA PHE A 79 -11.41 -7.02 -6.69
C PHE A 79 -12.04 -5.68 -6.35
N PRO A 80 -11.46 -4.96 -5.41
CA PRO A 80 -12.06 -3.72 -4.95
C PRO A 80 -11.95 -2.38 -5.61
N VAL A 81 -11.02 -2.24 -6.52
CA VAL A 81 -10.94 -0.96 -7.24
C VAL A 81 -10.57 -1.24 -8.70
N PRO A 82 -10.84 -0.28 -9.58
CA PRO A 82 -10.48 -0.42 -10.99
C PRO A 82 -8.90 -0.47 -11.08
N VAL A 83 -8.36 -1.24 -12.03
CA VAL A 83 -6.93 -1.28 -12.31
C VAL A 83 -6.89 -1.00 -13.82
N LEU A 84 -6.77 0.30 -14.10
CA LEU A 84 -6.78 0.80 -15.47
C LEU A 84 -5.51 1.34 -15.99
N CYS A 85 -5.43 1.41 -17.33
CA CYS A 85 -4.32 2.09 -17.99
C CYS A 85 -5.04 3.12 -18.88
N LEU A 86 -5.22 4.32 -18.32
CA LEU A 86 -5.91 5.42 -19.04
C LEU A 86 -4.91 6.32 -19.74
N LEU A 87 -5.19 6.67 -20.99
CA LEU A 87 -4.32 7.56 -21.78
C LEU A 87 -5.20 8.70 -22.34
N GLU A 88 -4.54 9.79 -22.73
CA GLU A 88 -5.22 10.94 -23.32
C GLU A 88 -5.67 10.55 -24.74
N ASN A 89 -4.82 9.80 -25.45
CA ASN A 89 -5.15 9.33 -26.78
C ASN A 89 -4.22 8.18 -27.08
N THR A 90 -4.41 7.63 -28.27
CA THR A 90 -3.56 6.53 -28.72
C THR A 90 -2.71 6.95 -29.89
N ASP A 91 -2.37 8.23 -29.99
CA ASP A 91 -1.55 8.70 -31.11
C ASP A 91 -0.26 7.90 -31.20
N ALA A 92 0.40 7.79 -30.05
CA ALA A 92 1.69 7.13 -29.94
C ALA A 92 1.74 5.70 -30.43
N ILE A 93 0.62 5.00 -30.43
CA ILE A 93 0.65 3.60 -30.87
C ILE A 93 -0.17 3.27 -32.10
N GLY A 94 -0.98 4.22 -32.55
CA GLY A 94 -1.79 3.98 -33.73
C GLY A 94 -2.55 2.69 -33.63
N ASP A 95 -2.42 1.83 -34.62
CA ASP A 95 -3.13 0.54 -34.63
C ASP A 95 -2.35 -0.68 -34.10
N ALA A 96 -1.16 -0.48 -33.56
CA ALA A 96 -0.35 -1.61 -33.05
C ALA A 96 -1.11 -2.23 -31.89
N LYS A 97 -1.09 -3.56 -31.79
CA LYS A 97 -1.78 -4.21 -30.68
C LYS A 97 -0.77 -4.81 -29.68
N ARG A 98 0.53 -4.75 -30.00
CA ARG A 98 1.55 -5.26 -29.04
C ARG A 98 2.48 -4.09 -28.82
N ILE A 99 2.49 -3.54 -27.60
CA ILE A 99 3.26 -2.33 -27.34
C ILE A 99 4.06 -2.36 -26.05
N ALA A 100 4.99 -1.44 -25.93
CA ALA A 100 5.78 -1.37 -24.71
C ALA A 100 5.20 -0.21 -23.90
N LEU A 101 5.08 -0.41 -22.59
CA LEU A 101 4.59 0.64 -21.70
C LEU A 101 5.85 1.21 -21.05
N ARG A 102 6.07 2.53 -21.17
CA ARG A 102 7.23 3.17 -20.58
C ARG A 102 6.90 3.88 -19.28
N ASP A 103 7.91 3.93 -18.42
CA ASP A 103 7.77 4.46 -17.06
C ASP A 103 7.86 5.98 -16.92
N PRO A 104 6.81 6.65 -16.44
CA PRO A 104 6.92 8.11 -16.31
C PRO A 104 7.82 8.56 -15.17
N ASN A 105 8.18 7.62 -14.28
CA ASN A 105 8.90 7.98 -13.06
C ASN A 105 10.39 7.68 -13.00
N VAL A 106 10.97 7.26 -14.11
CA VAL A 106 12.39 6.97 -14.18
C VAL A 106 12.86 7.79 -15.39
N GLU A 107 13.90 8.58 -15.17
CA GLU A 107 14.40 9.43 -16.24
C GLU A 107 14.77 8.59 -17.45
N GLY A 108 14.42 9.09 -18.61
CA GLY A 108 14.69 8.35 -19.82
C GLY A 108 13.46 7.55 -20.21
N ASN A 109 12.48 7.43 -19.30
CA ASN A 109 11.25 6.66 -19.59
C ASN A 109 11.52 5.28 -20.15
N PRO A 110 12.20 4.44 -19.35
CA PRO A 110 12.53 3.06 -19.73
C PRO A 110 11.28 2.21 -19.89
N VAL A 111 11.41 1.09 -20.56
CA VAL A 111 10.25 0.19 -20.72
C VAL A 111 10.02 -0.44 -19.34
N LEU A 112 8.74 -0.51 -18.94
CA LEU A 112 8.33 -1.13 -17.65
C LEU A 112 7.60 -2.44 -17.92
N ALA A 113 6.87 -2.53 -19.02
CA ALA A 113 6.12 -3.75 -19.30
C ALA A 113 5.79 -3.88 -20.79
N VAL A 114 5.40 -5.08 -21.23
CA VAL A 114 4.98 -5.28 -22.62
C VAL A 114 3.54 -5.65 -22.52
N MET A 115 2.72 -5.15 -23.45
CA MET A 115 1.29 -5.37 -23.38
C MET A 115 0.69 -5.86 -24.68
N ASP A 116 -0.25 -6.80 -24.60
CA ASP A 116 -1.00 -7.20 -25.79
C ASP A 116 -2.35 -6.52 -25.62
N ILE A 117 -2.66 -5.56 -26.48
CA ILE A 117 -3.93 -4.86 -26.35
C ILE A 117 -5.10 -5.69 -26.83
N GLU A 118 -6.09 -5.84 -25.96
CA GLU A 118 -7.29 -6.62 -26.31
C GLU A 118 -8.47 -5.68 -26.60
N ALA A 119 -8.44 -4.46 -26.09
CA ALA A 119 -9.51 -3.48 -26.39
C ALA A 119 -9.03 -2.09 -26.06
N ILE A 120 -9.60 -1.09 -26.76
CA ILE A 120 -9.31 0.30 -26.52
C ILE A 120 -10.70 0.92 -26.44
N GLU A 121 -11.02 1.47 -25.29
CA GLU A 121 -12.37 2.00 -25.05
C GLU A 121 -12.39 3.42 -24.55
N GLU A 122 -13.41 4.19 -24.92
CA GLU A 122 -13.49 5.56 -24.42
C GLU A 122 -14.42 5.55 -23.19
N VAL A 123 -13.91 5.99 -22.04
CA VAL A 123 -14.74 5.99 -20.83
C VAL A 123 -15.65 7.21 -20.84
N SER A 124 -16.93 6.97 -20.65
CA SER A 124 -17.90 8.09 -20.69
C SER A 124 -17.87 8.91 -19.42
N ASP A 125 -18.49 10.08 -19.42
CA ASP A 125 -18.48 10.86 -18.17
C ASP A 125 -19.23 10.16 -17.06
N GLU A 126 -20.33 9.50 -17.42
CA GLU A 126 -21.15 8.80 -16.47
C GLU A 126 -20.35 7.68 -15.83
N GLN A 127 -19.65 6.91 -16.67
CA GLN A 127 -18.83 5.82 -16.16
C GLN A 127 -17.69 6.35 -15.28
N MET A 128 -17.00 7.41 -15.72
CA MET A 128 -15.90 7.99 -14.91
C MET A 128 -16.46 8.45 -13.56
N ALA A 129 -17.67 9.01 -13.60
CA ALA A 129 -18.29 9.49 -12.37
C ALA A 129 -18.66 8.35 -11.41
N VAL A 130 -19.15 7.23 -11.94
CA VAL A 130 -19.50 6.14 -11.08
C VAL A 130 -18.18 5.59 -10.49
N MET A 131 -17.14 5.43 -11.32
CA MET A 131 -15.87 4.88 -10.77
C MET A 131 -15.27 5.82 -9.73
N THR A 132 -15.46 7.11 -9.89
CA THR A 132 -14.89 8.05 -8.94
C THR A 132 -15.72 8.02 -7.67
N ASP A 133 -17.02 8.23 -7.78
CA ASP A 133 -17.83 8.25 -6.58
C ASP A 133 -17.82 6.93 -5.80
N LYS A 134 -17.87 5.80 -6.50
CA LYS A 134 -17.90 4.56 -5.72
C LYS A 134 -16.59 4.28 -4.99
N VAL A 135 -15.47 4.62 -5.61
CA VAL A 135 -14.17 4.31 -4.96
C VAL A 135 -13.75 5.35 -3.93
N TYR A 136 -13.91 6.61 -4.30
CA TYR A 136 -13.43 7.66 -3.40
C TYR A 136 -14.50 8.25 -2.48
N ARG A 137 -15.76 7.88 -2.73
CA ARG A 137 -16.91 8.33 -1.96
C ARG A 137 -17.07 9.86 -1.99
N THR A 138 -16.63 10.45 -3.09
CA THR A 138 -16.77 11.88 -3.36
C THR A 138 -16.37 12.11 -4.80
N THR A 139 -16.89 13.16 -5.42
CA THR A 139 -16.46 13.48 -6.77
C THR A 139 -15.76 14.86 -6.72
N ASP A 140 -15.50 15.33 -5.51
CA ASP A 140 -14.80 16.61 -5.28
C ASP A 140 -13.38 16.62 -5.83
N MET A 141 -13.09 17.50 -6.81
CA MET A 141 -11.74 17.53 -7.38
C MET A 141 -10.67 18.08 -6.48
N ASP A 142 -11.09 18.56 -5.30
CA ASP A 142 -10.15 19.03 -4.32
C ASP A 142 -9.56 17.80 -3.54
N HIS A 143 -10.18 16.62 -3.70
CA HIS A 143 -9.67 15.35 -3.09
C HIS A 143 -8.54 14.99 -4.08
N ILE A 144 -7.29 14.90 -3.61
CA ILE A 144 -6.17 14.67 -4.51
C ILE A 144 -6.26 13.36 -5.29
N GLY A 145 -6.83 12.34 -4.66
CA GLY A 145 -6.95 11.06 -5.39
C GLY A 145 -7.98 11.14 -6.49
N VAL A 146 -9.08 11.82 -6.21
CA VAL A 146 -10.12 12.02 -7.23
C VAL A 146 -9.49 12.80 -8.42
N LYS A 147 -8.74 13.85 -8.12
CA LYS A 147 -8.11 14.65 -9.18
C LYS A 147 -7.15 13.79 -10.01
N THR A 148 -6.31 13.04 -9.32
CA THR A 148 -5.37 12.17 -10.01
C THR A 148 -6.09 11.16 -10.93
N PHE A 149 -7.11 10.51 -10.40
CA PHE A 149 -7.85 9.52 -11.20
C PHE A 149 -8.43 10.15 -12.48
N ASN A 150 -8.94 11.37 -12.31
CA ASN A 150 -9.57 12.08 -13.42
C ASN A 150 -8.66 12.95 -14.27
N SER A 151 -7.35 12.82 -14.11
CA SER A 151 -6.38 13.60 -14.89
C SER A 151 -5.45 12.75 -15.75
N GLN A 152 -5.93 11.58 -16.17
CA GLN A 152 -5.09 10.70 -16.99
C GLN A 152 -5.66 10.52 -18.38
N GLY A 153 -6.78 11.18 -18.70
CA GLY A 153 -7.36 10.91 -20.00
C GLY A 153 -8.53 9.93 -19.87
N ARG A 154 -9.16 9.64 -21.00
CA ARG A 154 -10.32 8.77 -20.95
C ARG A 154 -10.21 7.57 -21.83
N VAL A 155 -9.04 7.32 -22.41
CA VAL A 155 -8.92 6.15 -23.25
C VAL A 155 -8.35 4.99 -22.43
N ALA A 156 -9.20 3.99 -22.20
CA ALA A 156 -8.82 2.81 -21.42
C ALA A 156 -8.24 1.73 -22.35
N VAL A 157 -6.97 1.39 -22.16
CA VAL A 157 -6.31 0.34 -22.97
C VAL A 157 -6.26 -0.89 -22.05
N SER A 158 -6.85 -2.01 -22.48
CA SER A 158 -6.92 -3.22 -21.66
C SER A 158 -6.30 -4.42 -22.33
N GLY A 159 -5.82 -5.35 -21.52
CA GLY A 159 -5.21 -6.56 -22.04
C GLY A 159 -4.13 -7.02 -21.07
N PRO A 160 -3.59 -8.24 -21.28
CA PRO A 160 -2.56 -8.82 -20.43
C PRO A 160 -1.18 -8.14 -20.59
N ILE A 161 -0.38 -8.10 -19.51
CA ILE A 161 0.95 -7.50 -19.57
C ILE A 161 1.99 -8.40 -18.94
N GLN A 162 3.23 -8.23 -19.36
CA GLN A 162 4.33 -8.94 -18.74
C GLN A 162 5.19 -7.79 -18.23
N VAL A 163 5.64 -7.92 -16.99
CA VAL A 163 6.38 -6.84 -16.35
C VAL A 163 7.88 -7.10 -16.31
N LEU A 164 8.66 -6.11 -16.75
CA LEU A 164 10.12 -6.25 -16.86
C LEU A 164 10.98 -5.76 -15.71
N ASN A 165 10.40 -4.94 -14.82
CA ASN A 165 11.12 -4.45 -13.68
C ASN A 165 10.16 -3.82 -12.70
N PHE A 166 10.65 -3.41 -11.53
CA PHE A 166 9.79 -2.81 -10.50
C PHE A 166 10.02 -1.31 -10.33
N SER A 167 10.31 -0.68 -11.45
CA SER A 167 10.45 0.76 -11.50
C SER A 167 11.44 1.30 -10.48
N TYR A 168 11.23 2.51 -10.03
CA TYR A 168 12.17 3.09 -9.08
C TYR A 168 11.96 2.53 -7.69
N PHE A 169 10.85 1.80 -7.50
CA PHE A 169 10.59 1.28 -6.15
C PHE A 169 11.68 0.29 -5.73
N GLN A 170 12.12 -0.56 -6.63
CA GLN A 170 13.22 -1.46 -6.24
C GLN A 170 14.56 -0.77 -6.48
N ALA A 171 14.64 0.02 -7.56
CA ALA A 171 15.94 0.62 -7.84
C ALA A 171 16.44 1.57 -6.75
N ASP A 172 15.54 2.34 -6.17
CA ASP A 172 15.91 3.27 -5.14
C ASP A 172 15.94 2.68 -3.73
N PHE A 173 15.24 1.58 -3.50
CA PHE A 173 15.14 1.01 -2.15
C PHE A 173 15.40 -0.50 -2.31
N PRO A 174 16.61 -0.86 -2.74
CA PRO A 174 16.95 -2.25 -2.96
C PRO A 174 16.87 -3.20 -1.77
N ASP A 175 16.96 -2.67 -0.55
CA ASP A 175 16.95 -3.55 0.61
C ASP A 175 15.58 -3.69 1.25
N THR A 176 14.67 -2.77 0.89
CA THR A 176 13.36 -2.72 1.50
C THR A 176 12.25 -3.26 0.60
N PHE A 177 12.33 -2.90 -0.69
CA PHE A 177 11.27 -3.37 -1.63
C PHE A 177 11.19 -4.88 -1.69
N ARG A 178 9.94 -5.39 -1.67
CA ARG A 178 9.76 -6.84 -1.80
C ARG A 178 8.53 -7.08 -2.66
N THR A 179 8.57 -8.19 -3.35
CA THR A 179 7.38 -8.63 -4.09
C THR A 179 6.54 -9.41 -3.05
N ALA A 180 5.28 -9.66 -3.37
CA ALA A 180 4.42 -10.47 -2.49
C ALA A 180 5.01 -11.89 -2.45
N VAL A 181 5.56 -12.31 -3.58
CA VAL A 181 6.18 -13.66 -3.68
C VAL A 181 7.27 -13.82 -2.62
N GLU A 182 8.17 -12.85 -2.52
CA GLU A 182 9.28 -12.99 -1.58
C GLU A 182 8.85 -12.76 -0.13
N ILE A 183 7.84 -11.91 0.11
CA ILE A 183 7.41 -11.79 1.49
C ILE A 183 6.81 -13.17 1.92
N ARG A 184 6.08 -13.83 1.03
CA ARG A 184 5.62 -15.17 1.44
C ARG A 184 6.81 -16.06 1.74
N ASN A 185 7.81 -16.01 0.88
CA ASN A 185 8.97 -16.87 1.12
C ASN A 185 9.63 -16.59 2.48
N GLU A 186 9.79 -15.30 2.81
CA GLU A 186 10.43 -14.89 4.07
C GLU A 186 9.58 -15.25 5.27
N ILE A 187 8.26 -15.10 5.13
CA ILE A 187 7.39 -15.50 6.25
C ILE A 187 7.66 -17.00 6.57
N LYS A 188 7.71 -17.83 5.54
CA LYS A 188 8.04 -19.25 5.73
C LYS A 188 9.45 -19.43 6.31
N GLU A 189 10.43 -18.64 5.82
CA GLU A 189 11.77 -18.81 6.38
C GLU A 189 11.78 -18.51 7.88
N HIS A 190 10.92 -17.60 8.31
CA HIS A 190 10.84 -17.26 9.71
C HIS A 190 10.09 -18.32 10.51
N GLY A 191 9.40 -19.21 9.81
CA GLY A 191 8.65 -20.24 10.48
C GLY A 191 7.33 -19.72 11.05
N TRP A 192 6.88 -18.59 10.53
CA TRP A 192 5.63 -17.99 11.05
C TRP A 192 4.40 -18.54 10.34
N SER A 193 3.28 -18.59 11.07
CA SER A 193 2.00 -19.05 10.52
C SER A 193 1.08 -17.82 10.53
N LYS A 194 0.59 -17.42 11.70
CA LYS A 194 -0.22 -16.20 11.77
C LYS A 194 0.71 -15.00 11.75
N VAL A 195 0.36 -14.03 10.90
CA VAL A 195 1.25 -12.90 10.71
C VAL A 195 0.36 -11.67 10.58
N VAL A 196 0.68 -10.63 11.33
CA VAL A 196 -0.12 -9.39 11.25
C VAL A 196 0.71 -8.34 10.47
N ALA A 197 0.07 -7.67 9.53
CA ALA A 197 0.74 -6.65 8.72
C ALA A 197 0.33 -5.28 9.15
N PHE A 198 1.27 -4.33 9.05
CA PHE A 198 1.03 -2.95 9.45
C PHE A 198 1.63 -2.07 8.43
N GLN A 199 0.81 -1.15 7.88
CA GLN A 199 1.38 -0.22 6.92
C GLN A 199 1.78 1.08 7.57
N THR A 200 2.91 1.64 7.12
CA THR A 200 3.31 2.98 7.61
C THR A 200 4.19 3.64 6.56
N ARG A 201 4.22 4.97 6.58
CA ARG A 201 5.18 5.67 5.76
C ARG A 201 6.08 6.43 6.75
N ASN A 202 5.49 6.87 7.85
CA ASN A 202 6.26 7.61 8.89
C ASN A 202 7.11 6.62 9.69
N PRO A 203 8.14 7.13 10.39
CA PRO A 203 8.95 6.28 11.25
C PRO A 203 7.91 5.93 12.34
N MET A 204 8.13 4.84 13.07
CA MET A 204 7.20 4.42 14.09
C MET A 204 7.63 4.84 15.48
N HIS A 205 6.83 5.73 16.09
CA HIS A 205 7.13 6.13 17.46
C HIS A 205 6.59 5.04 18.41
N ARG A 206 6.63 5.27 19.71
CA ARG A 206 6.28 4.17 20.59
C ARG A 206 4.82 3.77 20.45
N ALA A 207 3.98 4.75 20.10
CA ALA A 207 2.55 4.44 19.95
C ALA A 207 2.30 3.34 18.93
N HIS A 208 2.86 3.47 17.73
CA HIS A 208 2.60 2.40 16.74
C HIS A 208 3.38 1.15 16.96
N GLU A 209 4.55 1.31 17.60
CA GLU A 209 5.32 0.14 18.01
C GLU A 209 4.43 -0.71 18.95
N GLU A 210 3.84 -0.04 19.96
CA GLU A 210 3.00 -0.74 20.95
C GLU A 210 1.73 -1.30 20.33
N LEU A 211 1.18 -0.60 19.34
CA LEU A 211 0.00 -1.13 18.66
C LEU A 211 0.32 -2.46 18.00
N CYS A 212 1.46 -2.52 17.31
CA CYS A 212 1.88 -3.76 16.64
C CYS A 212 2.09 -4.85 17.67
N ARG A 213 2.73 -4.50 18.78
CA ARG A 213 2.96 -5.52 19.82
C ARG A 213 1.63 -5.98 20.44
N MET A 214 0.69 -5.05 20.73
CA MET A 214 -0.62 -5.43 21.27
C MET A 214 -1.37 -6.37 20.34
N ALA A 215 -1.38 -6.02 19.07
CA ALA A 215 -2.08 -6.84 18.07
C ALA A 215 -1.42 -8.22 17.97
N MET A 216 -0.08 -8.25 18.01
CA MET A 216 0.56 -9.55 17.90
C MET A 216 0.17 -10.40 19.11
N GLU A 217 0.13 -9.80 20.31
CA GLU A 217 -0.24 -10.55 21.52
C GLU A 217 -1.69 -11.02 21.51
N SER A 218 -2.61 -10.13 21.16
CA SER A 218 -4.02 -10.51 21.23
C SER A 218 -4.40 -11.46 20.14
N LEU A 219 -3.69 -11.43 19.01
CA LEU A 219 -3.96 -12.37 17.94
C LEU A 219 -3.15 -13.66 18.06
N ASP A 220 -2.21 -13.68 19.00
CA ASP A 220 -1.26 -14.82 19.14
C ASP A 220 -0.54 -14.98 17.78
N ALA A 221 -0.18 -13.86 17.17
CA ALA A 221 0.53 -13.91 15.88
C ALA A 221 1.98 -14.25 16.12
N ASP A 222 2.61 -14.86 15.12
CA ASP A 222 4.02 -15.25 15.23
C ASP A 222 4.95 -14.12 14.87
N GLY A 223 4.47 -13.19 14.04
CA GLY A 223 5.29 -12.06 13.68
C GLY A 223 4.48 -10.94 13.05
N VAL A 224 5.16 -9.81 12.91
CA VAL A 224 4.60 -8.60 12.29
C VAL A 224 5.42 -8.30 11.03
N VAL A 225 4.73 -7.96 9.93
CA VAL A 225 5.43 -7.49 8.77
C VAL A 225 5.11 -6.00 8.65
N VAL A 226 6.12 -5.15 8.88
CA VAL A 226 5.94 -3.70 8.68
C VAL A 226 6.11 -3.56 7.14
N HIS A 227 5.08 -3.06 6.49
CA HIS A 227 5.05 -3.02 5.04
C HIS A 227 4.91 -1.57 4.63
N MET A 228 6.04 -0.94 4.39
CA MET A 228 6.05 0.51 4.08
C MET A 228 5.68 0.82 2.65
N LEU A 229 4.90 1.88 2.46
CA LEU A 229 4.53 2.32 1.10
C LEU A 229 5.76 3.17 0.66
N LEU A 230 6.46 2.74 -0.39
CA LEU A 230 7.66 3.42 -0.88
C LEU A 230 7.23 4.40 -1.97
N GLY A 231 7.92 5.54 -2.06
CA GLY A 231 7.50 6.51 -3.07
C GLY A 231 8.52 7.63 -3.19
N LYS A 232 8.17 8.64 -3.99
CA LYS A 232 9.09 9.78 -4.17
C LYS A 232 9.04 10.71 -2.94
N LEU A 233 10.16 11.36 -2.63
CA LEU A 233 10.21 12.23 -1.47
C LEU A 233 9.36 13.47 -1.71
N LYS A 234 8.52 13.81 -0.74
CA LYS A 234 7.72 15.03 -0.87
C LYS A 234 8.19 16.06 0.15
N LYS A 235 7.83 17.32 -0.08
CA LYS A 235 8.23 18.42 0.80
C LYS A 235 7.96 18.08 2.26
N GLY A 236 8.98 18.21 3.10
CA GLY A 236 8.76 17.91 4.50
C GLY A 236 8.99 16.45 4.91
N ASP A 237 8.98 15.53 3.94
CA ASP A 237 9.19 14.11 4.25
C ASP A 237 10.54 13.81 4.85
N ILE A 238 10.59 12.75 5.66
CA ILE A 238 11.85 12.30 6.21
C ILE A 238 12.42 11.35 5.15
N PRO A 239 13.71 11.53 4.76
CA PRO A 239 14.33 10.64 3.77
C PRO A 239 14.23 9.17 4.19
N ALA A 240 14.03 8.28 3.23
CA ALA A 240 13.92 6.83 3.49
C ALA A 240 15.06 6.23 4.29
N PRO A 241 16.32 6.62 4.01
CA PRO A 241 17.39 6.01 4.81
C PRO A 241 17.18 6.23 6.31
N VAL A 242 16.67 7.40 6.66
CA VAL A 242 16.45 7.78 8.07
C VAL A 242 15.21 7.05 8.57
N ARG A 243 14.17 7.07 7.77
CA ARG A 243 12.93 6.41 8.18
C ARG A 243 13.21 4.91 8.35
N ASP A 244 13.90 4.35 7.37
CA ASP A 244 14.21 2.91 7.46
C ASP A 244 15.00 2.59 8.69
N ALA A 245 16.00 3.43 8.96
CA ALA A 245 16.82 3.19 10.14
C ALA A 245 16.01 3.28 11.44
N ALA A 246 15.15 4.27 11.51
CA ALA A 246 14.33 4.43 12.71
C ALA A 246 13.47 3.20 12.93
N ILE A 247 12.86 2.67 11.89
CA ILE A 247 12.01 1.49 12.08
C ILE A 247 12.83 0.22 12.38
N ARG A 248 13.95 0.06 11.69
CA ARG A 248 14.78 -1.14 11.97
C ARG A 248 15.34 -1.14 13.38
N THR A 249 15.69 0.05 13.87
CA THR A 249 16.19 0.19 15.24
C THR A 249 15.10 -0.14 16.25
N MET A 250 13.89 0.36 16.01
CA MET A 250 12.77 -0.01 16.89
C MET A 250 12.62 -1.55 16.90
N ALA A 251 12.64 -2.17 15.72
CA ALA A 251 12.48 -3.63 15.66
C ALA A 251 13.59 -4.37 16.36
N GLU A 252 14.82 -3.92 16.14
CA GLU A 252 15.98 -4.62 16.70
C GLU A 252 16.08 -4.51 18.21
N VAL A 253 15.80 -3.32 18.71
CA VAL A 253 15.94 -3.12 20.15
C VAL A 253 14.73 -3.50 20.99
N TYR A 254 13.53 -3.30 20.46
CA TYR A 254 12.35 -3.51 21.29
C TYR A 254 11.46 -4.69 21.04
N PHE A 255 11.64 -5.36 19.89
CA PHE A 255 10.81 -6.52 19.66
C PHE A 255 11.53 -7.80 20.02
N PRO A 256 10.78 -8.82 20.44
CA PRO A 256 11.39 -10.09 20.79
C PRO A 256 12.05 -10.70 19.56
N PRO A 257 12.97 -11.63 19.79
CA PRO A 257 13.66 -12.28 18.69
C PRO A 257 12.66 -12.93 17.72
N ASN A 258 12.95 -12.80 16.43
CA ASN A 258 12.14 -13.40 15.39
C ASN A 258 10.64 -13.03 15.38
N THR A 259 10.35 -11.75 15.45
CA THR A 259 8.94 -11.33 15.44
C THR A 259 8.64 -10.16 14.48
N VAL A 260 9.64 -9.60 13.79
CA VAL A 260 9.35 -8.47 12.89
C VAL A 260 10.19 -8.49 11.63
N MET A 261 9.54 -8.21 10.52
CA MET A 261 10.21 -8.06 9.22
C MET A 261 9.92 -6.63 8.74
N VAL A 262 10.95 -5.93 8.26
CA VAL A 262 10.77 -4.57 7.72
C VAL A 262 10.86 -4.65 6.21
N THR A 263 9.78 -4.26 5.52
CA THR A 263 9.72 -4.38 4.07
C THR A 263 8.98 -3.20 3.47
N GLY A 264 8.89 -3.19 2.15
CA GLY A 264 8.17 -2.11 1.46
C GLY A 264 7.58 -2.52 0.15
N TYR A 265 6.68 -1.69 -0.42
CA TYR A 265 6.09 -2.05 -1.72
C TYR A 265 5.94 -0.72 -2.46
N GLY A 266 5.66 -0.82 -3.75
CA GLY A 266 5.52 0.39 -4.55
C GLY A 266 4.14 0.49 -5.23
N PHE A 267 3.48 1.64 -4.99
CA PHE A 267 2.13 1.85 -5.56
C PHE A 267 1.89 3.34 -5.29
N ASP A 268 0.95 3.98 -6.00
CA ASP A 268 0.65 5.36 -5.69
C ASP A 268 -0.60 5.31 -4.81
N MET A 269 -0.53 5.94 -3.64
CA MET A 269 -1.68 5.94 -2.73
C MET A 269 -2.89 6.60 -3.39
N LEU A 270 -4.07 6.03 -3.16
CA LEU A 270 -5.30 6.57 -3.77
C LEU A 270 -5.96 7.61 -2.86
N TYR A 271 -5.64 7.56 -1.57
CA TYR A 271 -6.31 8.42 -0.56
C TYR A 271 -7.81 8.22 -0.60
N ALA A 272 -8.22 6.97 -0.86
CA ALA A 272 -9.63 6.63 -0.96
C ALA A 272 -10.24 6.13 0.30
N GLY A 273 -9.48 6.16 1.38
CA GLY A 273 -10.08 5.75 2.62
C GLY A 273 -10.62 4.32 2.64
N PRO A 274 -11.88 4.12 3.06
CA PRO A 274 -12.45 2.77 3.13
C PRO A 274 -12.17 1.83 1.98
N ARG A 275 -12.45 2.24 0.72
CA ARG A 275 -12.19 1.26 -0.38
C ARG A 275 -10.70 0.96 -0.50
N GLU A 276 -9.83 1.93 -0.18
CA GLU A 276 -8.39 1.66 -0.27
C GLU A 276 -8.01 0.70 0.86
N ALA A 277 -8.68 0.84 2.01
CA ALA A 277 -8.41 -0.11 3.10
C ALA A 277 -8.74 -1.57 2.65
N VAL A 278 -9.79 -1.74 1.86
CA VAL A 278 -10.14 -3.09 1.38
C VAL A 278 -9.03 -3.54 0.41
N LEU A 279 -8.56 -2.65 -0.46
CA LEU A 279 -7.45 -3.01 -1.35
C LEU A 279 -6.21 -3.40 -0.52
N HIS A 280 -5.91 -2.62 0.53
CA HIS A 280 -4.78 -2.95 1.40
C HIS A 280 -4.93 -4.38 1.98
N ALA A 281 -6.13 -4.75 2.41
CA ALA A 281 -6.31 -6.10 2.95
C ALA A 281 -6.04 -7.12 1.85
N TYR A 282 -6.59 -6.87 0.66
CA TYR A 282 -6.41 -7.77 -0.47
C TYR A 282 -4.92 -8.09 -0.72
N PHE A 283 -4.07 -7.07 -0.88
CA PHE A 283 -2.69 -7.40 -1.22
C PHE A 283 -1.85 -7.88 -0.01
N ARG A 284 -2.30 -7.57 1.21
CA ARG A 284 -1.65 -8.10 2.38
C ARG A 284 -1.97 -9.61 2.46
N GLN A 285 -3.17 -10.02 2.02
CA GLN A 285 -3.41 -11.48 2.03
C GLN A 285 -2.47 -12.14 0.99
N ASN A 286 -2.30 -11.50 -0.18
CA ASN A 286 -1.45 -12.08 -1.22
C ASN A 286 0.00 -12.16 -0.79
N MET A 287 0.44 -11.29 0.12
CA MET A 287 1.80 -11.37 0.56
C MET A 287 1.96 -12.35 1.72
N GLY A 288 0.86 -12.95 2.21
CA GLY A 288 1.00 -13.95 3.26
C GLY A 288 0.54 -13.58 4.66
N ALA A 289 -0.04 -12.39 4.81
CA ALA A 289 -0.51 -12.03 6.15
C ALA A 289 -1.91 -12.59 6.42
N THR A 290 -2.13 -12.99 7.68
CA THR A 290 -3.44 -13.53 8.09
C THR A 290 -4.29 -12.43 8.70
N HIS A 291 -3.63 -11.34 9.10
CA HIS A 291 -4.31 -10.21 9.74
C HIS A 291 -3.73 -8.90 9.29
N PHE A 292 -4.61 -7.88 9.19
CA PHE A 292 -4.11 -6.54 8.78
C PHE A 292 -4.70 -5.49 9.74
N ILE A 293 -3.85 -4.56 10.22
CA ILE A 293 -4.29 -3.53 11.14
C ILE A 293 -4.89 -2.34 10.39
N ILE A 294 -6.11 -1.95 10.82
CA ILE A 294 -6.76 -0.77 10.25
C ILE A 294 -7.22 0.07 11.44
N GLY A 295 -6.64 1.28 11.57
CA GLY A 295 -7.00 2.20 12.65
C GLY A 295 -7.92 3.28 12.10
N ARG A 296 -8.01 4.36 12.85
CA ARG A 296 -8.90 5.45 12.42
C ARG A 296 -8.44 6.18 11.18
N ASP A 297 -9.42 6.50 10.32
CA ASP A 297 -9.23 7.25 9.09
C ASP A 297 -8.14 6.66 8.22
N HIS A 298 -8.11 5.34 8.22
CA HIS A 298 -7.10 4.63 7.42
C HIS A 298 -7.16 5.05 5.98
N ALA A 299 -6.00 5.36 5.39
CA ALA A 299 -5.92 5.75 3.99
C ALA A 299 -6.75 6.97 3.62
N GLY A 300 -7.15 7.78 4.62
CA GLY A 300 -8.01 8.91 4.28
C GLY A 300 -7.25 10.19 3.97
N VAL A 301 -8.03 11.22 3.63
CA VAL A 301 -7.45 12.54 3.40
C VAL A 301 -8.58 13.51 3.71
N GLY A 302 -8.21 14.74 4.08
CA GLY A 302 -9.24 15.72 4.33
C GLY A 302 -10.31 15.30 5.32
N ASP A 303 -11.54 15.70 5.06
CA ASP A 303 -12.65 15.43 5.95
C ASP A 303 -13.70 14.50 5.32
N TYR A 304 -13.27 13.76 4.30
CA TYR A 304 -14.19 12.92 3.53
C TYR A 304 -14.75 11.67 4.17
N TYR A 305 -13.99 11.10 5.11
CA TYR A 305 -14.39 9.86 5.70
C TYR A 305 -14.59 9.91 7.20
N GLY A 306 -15.54 9.13 7.69
CA GLY A 306 -15.78 8.97 9.13
C GLY A 306 -14.63 8.15 9.71
N ALA A 307 -14.33 8.38 10.98
CA ALA A 307 -13.20 7.72 11.64
C ALA A 307 -13.08 6.22 11.49
N PHE A 308 -14.20 5.51 11.69
CA PHE A 308 -14.16 4.07 11.59
C PHE A 308 -14.75 3.47 10.31
N ASP A 309 -15.00 4.31 9.30
CA ASP A 309 -15.58 3.86 8.04
C ASP A 309 -14.70 2.84 7.33
N ALA A 310 -13.40 2.97 7.50
CA ALA A 310 -12.49 2.00 6.82
C ALA A 310 -12.53 0.63 7.55
N GLN A 311 -13.12 0.57 8.74
CA GLN A 311 -13.31 -0.72 9.41
C GLN A 311 -14.69 -1.28 9.05
N THR A 312 -15.72 -0.43 9.15
CA THR A 312 -17.06 -0.90 8.90
C THR A 312 -17.36 -1.25 7.48
N ILE A 313 -16.56 -0.77 6.51
CA ILE A 313 -16.82 -1.18 5.13
C ILE A 313 -16.74 -2.72 5.04
N PHE A 314 -15.94 -3.36 5.91
CA PHE A 314 -15.83 -4.81 5.84
C PHE A 314 -17.10 -5.50 6.32
N ASP A 315 -17.92 -4.76 7.08
CA ASP A 315 -19.17 -5.33 7.60
C ASP A 315 -20.30 -5.09 6.62
N ASP A 316 -20.29 -3.95 5.95
CA ASP A 316 -21.45 -3.67 5.13
C ASP A 316 -21.31 -3.47 3.63
N GLU A 317 -20.11 -3.56 3.08
CA GLU A 317 -19.98 -3.36 1.63
C GLU A 317 -19.15 -4.48 0.98
N VAL A 318 -18.19 -5.04 1.71
CA VAL A 318 -17.34 -6.09 1.13
C VAL A 318 -18.20 -7.35 1.03
N PRO A 319 -18.26 -7.98 -0.17
CA PRO A 319 -19.08 -9.19 -0.35
C PRO A 319 -18.67 -10.28 0.64
N GLU A 320 -19.66 -11.03 1.09
CA GLU A 320 -19.38 -12.13 2.01
C GLU A 320 -18.40 -13.12 1.37
N GLY A 321 -17.42 -13.56 2.16
CA GLY A 321 -16.41 -14.51 1.74
C GLY A 321 -15.38 -14.02 0.71
N ALA A 322 -15.27 -12.71 0.57
CA ALA A 322 -14.35 -12.18 -0.45
C ALA A 322 -12.91 -12.59 -0.23
N MET A 323 -12.52 -12.53 1.03
CA MET A 323 -11.12 -12.78 1.41
C MET A 323 -11.03 -13.63 2.66
N GLU A 324 -9.82 -14.14 2.88
CA GLU A 324 -9.53 -14.98 4.08
C GLU A 324 -8.81 -14.18 5.17
N ILE A 325 -8.13 -13.10 4.78
CA ILE A 325 -7.45 -12.26 5.78
C ILE A 325 -8.49 -11.60 6.70
N GLU A 326 -8.09 -11.40 7.95
CA GLU A 326 -8.96 -10.78 8.94
C GLU A 326 -8.40 -9.41 9.29
N ILE A 327 -9.32 -8.52 9.71
CA ILE A 327 -8.89 -7.18 10.10
C ILE A 327 -8.76 -7.04 11.60
N PHE A 328 -7.67 -6.40 12.03
CA PHE A 328 -7.47 -6.07 13.44
C PHE A 328 -7.84 -4.60 13.50
N ARG A 329 -8.94 -4.30 14.22
CA ARG A 329 -9.45 -2.94 14.29
C ARG A 329 -8.78 -2.18 15.38
N ALA A 330 -7.99 -1.18 14.99
CA ALA A 330 -7.25 -0.38 15.94
C ALA A 330 -7.95 0.92 16.30
N ASP A 331 -7.41 1.63 17.28
CA ASP A 331 -8.01 2.86 17.73
C ASP A 331 -6.87 3.61 18.44
N HIS A 332 -7.15 4.80 18.94
CA HIS A 332 -6.15 5.62 19.60
C HIS A 332 -5.49 4.95 20.79
N THR A 333 -4.16 5.12 20.85
CA THR A 333 -3.41 4.63 22.04
C THR A 333 -3.13 5.82 22.96
N ALA A 334 -2.73 5.48 24.18
CA ALA A 334 -2.36 6.51 25.18
C ALA A 334 -1.61 5.81 26.28
N TYR A 335 -0.89 6.60 27.10
CA TYR A 335 -0.27 6.04 28.31
C TYR A 335 -1.36 6.01 29.38
N SER A 336 -1.56 4.85 29.99
CA SER A 336 -2.52 4.72 31.09
C SER A 336 -1.77 4.98 32.40
N LYS A 337 -2.19 5.98 33.16
CA LYS A 337 -1.52 6.19 34.44
C LYS A 337 -1.84 5.08 35.42
N LYS A 338 -3.03 4.50 35.32
CA LYS A 338 -3.42 3.44 36.23
C LYS A 338 -2.65 2.15 35.99
N LEU A 339 -2.40 1.83 34.72
CA LEU A 339 -1.69 0.61 34.42
C LEU A 339 -0.19 0.80 34.11
N ASN A 340 0.26 2.04 33.99
CA ASN A 340 1.68 2.38 33.76
C ASN A 340 2.19 1.71 32.50
N LYS A 341 1.38 1.82 31.45
CA LYS A 341 1.77 1.27 30.14
C LYS A 341 0.95 1.91 29.04
N ILE A 342 1.37 1.61 27.80
CA ILE A 342 0.62 2.11 26.65
C ILE A 342 -0.51 1.10 26.38
N VAL A 343 -1.71 1.65 26.17
CA VAL A 343 -2.88 0.82 25.86
C VAL A 343 -3.71 1.46 24.79
N MET A 344 -4.64 0.70 24.18
CA MET A 344 -5.60 1.39 23.35
C MET A 344 -6.65 1.77 24.38
N MET A 345 -7.03 3.04 24.43
CA MET A 345 -8.03 3.50 25.40
C MET A 345 -9.33 2.67 25.39
N ARG A 346 -9.78 2.28 24.20
CA ARG A 346 -11.00 1.48 24.07
C ARG A 346 -10.93 0.09 24.78
N ASP A 347 -9.73 -0.39 25.06
CA ASP A 347 -9.60 -1.69 25.69
C ASP A 347 -9.75 -1.67 27.21
N VAL A 348 -9.73 -0.48 27.81
CA VAL A 348 -9.84 -0.38 29.27
C VAL A 348 -11.04 0.54 29.65
N PRO A 349 -12.29 0.05 29.47
CA PRO A 349 -13.50 0.83 29.79
C PRO A 349 -13.66 1.35 31.24
N ASP A 350 -12.77 0.97 32.15
CA ASP A 350 -12.89 1.42 33.55
C ASP A 350 -12.19 2.76 33.83
N HIS A 351 -11.28 3.15 32.96
CA HIS A 351 -10.54 4.37 33.10
C HIS A 351 -11.35 5.64 32.94
N THR A 352 -10.81 6.72 33.50
CA THR A 352 -11.38 8.07 33.41
C THR A 352 -10.42 8.84 32.52
N LYS A 353 -10.77 10.08 32.19
CA LYS A 353 -9.96 10.90 31.30
C LYS A 353 -8.61 11.28 31.87
N GLU A 354 -8.61 11.58 33.15
CA GLU A 354 -7.41 12.01 33.83
C GLU A 354 -6.47 10.83 33.97
N ASP A 355 -6.98 9.63 33.65
CA ASP A 355 -6.19 8.43 33.75
C ASP A 355 -5.31 8.23 32.52
N PHE A 356 -5.46 9.07 31.49
CA PHE A 356 -4.64 8.87 30.28
C PHE A 356 -3.78 10.08 29.98
N VAL A 357 -2.65 9.87 29.30
CA VAL A 357 -1.80 10.93 28.85
C VAL A 357 -1.60 10.60 27.36
N LEU A 358 -1.86 11.58 26.49
CA LEU A 358 -1.73 11.39 25.03
C LEU A 358 -0.73 12.35 24.46
N LEU A 359 0.00 11.88 23.45
CA LEU A 359 0.93 12.70 22.72
C LEU A 359 0.90 12.18 21.28
N SER A 360 0.37 12.99 20.36
CA SER A 360 0.28 12.53 18.97
C SER A 360 1.60 12.36 18.21
N GLY A 361 1.58 11.57 17.15
CA GLY A 361 2.78 11.38 16.35
C GLY A 361 3.25 12.72 15.81
N THR A 362 2.29 13.55 15.46
CA THR A 362 2.64 14.87 14.94
C THR A 362 3.37 15.70 16.00
N LYS A 363 2.87 15.72 17.24
CA LYS A 363 3.51 16.47 18.33
C LYS A 363 4.86 15.88 18.70
N VAL A 364 4.98 14.55 18.63
CA VAL A 364 6.26 13.92 18.91
C VAL A 364 7.29 14.41 17.89
N ARG A 365 6.92 14.39 16.61
CA ARG A 365 7.88 14.82 15.59
C ARG A 365 8.21 16.33 15.72
N GLU A 366 7.24 17.11 16.16
CA GLU A 366 7.48 18.53 16.32
C GLU A 366 8.53 18.76 17.41
N MET A 367 8.45 17.99 18.48
CA MET A 367 9.43 18.09 19.56
C MET A 367 10.78 17.60 19.10
N LEU A 368 10.80 16.45 18.43
CA LEU A 368 12.05 15.91 17.94
C LEU A 368 12.77 16.93 17.05
N GLY A 369 11.98 17.62 16.25
CA GLY A 369 12.49 18.62 15.32
C GLY A 369 13.19 19.76 16.04
N GLN A 370 12.77 20.02 17.28
CA GLN A 370 13.40 21.08 18.10
C GLN A 370 14.51 20.52 18.98
N GLY A 371 14.86 19.25 18.79
CA GLY A 371 15.94 18.64 19.58
C GLY A 371 15.52 18.27 20.99
N ILE A 372 14.20 18.20 21.20
CA ILE A 372 13.63 17.87 22.49
C ILE A 372 13.16 16.41 22.53
N ALA A 373 13.62 15.66 23.53
CA ALA A 373 13.23 14.26 23.69
C ALA A 373 11.86 14.15 24.32
N PRO A 374 10.90 13.46 23.65
CA PRO A 374 9.59 13.33 24.30
C PRO A 374 9.77 12.35 25.43
N PRO A 375 8.74 12.20 26.28
CA PRO A 375 8.82 11.27 27.41
C PRO A 375 9.01 9.85 26.85
N PRO A 376 9.58 8.97 27.65
CA PRO A 376 9.83 7.58 27.25
C PRO A 376 8.56 6.83 26.88
N GLU A 377 7.40 7.26 27.41
CA GLU A 377 6.12 6.60 27.08
C GLU A 377 5.78 6.83 25.62
N PHE A 378 6.40 7.83 25.02
CA PHE A 378 6.05 8.18 23.64
C PHE A 378 7.17 8.08 22.65
N SER A 379 8.40 8.05 23.16
CA SER A 379 9.58 8.01 22.31
C SER A 379 10.70 7.18 22.83
N ARG A 380 11.10 6.19 22.04
CA ARG A 380 12.26 5.34 22.41
C ARG A 380 13.52 6.14 22.12
N PRO A 381 14.42 6.24 23.10
CA PRO A 381 15.66 7.00 22.89
C PRO A 381 16.46 6.64 21.64
N GLU A 382 16.61 5.35 21.34
CA GLU A 382 17.40 4.95 20.17
C GLU A 382 16.75 5.42 18.88
N VAL A 383 15.42 5.36 18.84
CA VAL A 383 14.70 5.84 17.67
C VAL A 383 14.77 7.36 17.63
N ALA A 384 14.53 8.01 18.77
CA ALA A 384 14.59 9.46 18.81
C ALA A 384 15.97 10.00 18.36
N LYS A 385 17.04 9.27 18.70
CA LYS A 385 18.43 9.64 18.37
C LYS A 385 18.55 9.73 16.87
N ILE A 386 18.08 8.68 16.22
CA ILE A 386 18.14 8.66 14.78
C ILE A 386 17.40 9.86 14.18
N LEU A 387 16.18 10.12 14.65
CA LEU A 387 15.40 11.20 14.09
C LEU A 387 15.96 12.59 14.47
N MET A 388 16.47 12.75 15.70
CA MET A 388 16.99 14.05 16.11
C MET A 388 18.32 14.30 15.41
N ASP A 389 19.11 13.25 15.23
CA ASP A 389 20.40 13.41 14.52
C ASP A 389 20.07 13.93 13.13
N TYR A 390 18.94 13.48 12.58
CA TYR A 390 18.55 13.94 11.28
C TYR A 390 18.04 15.37 11.34
N TYR A 391 17.06 15.63 12.21
CA TYR A 391 16.49 16.96 12.29
C TYR A 391 17.55 18.03 12.61
N GLN A 392 18.51 17.74 13.48
CA GLN A 392 19.49 18.77 13.83
C GLN A 392 20.41 19.13 12.67
N SER A 393 20.48 18.24 11.68
CA SER A 393 21.31 18.47 10.51
C SER A 393 20.59 19.39 9.53
N ILE A 394 19.28 19.59 9.72
CA ILE A 394 18.53 20.49 8.82
C ILE A 394 17.71 21.62 9.49
N ASN A 395 17.49 21.52 10.79
CA ASN A 395 16.71 22.52 11.52
C ASN A 395 17.53 23.51 12.35
N SER A 396 18.85 23.30 12.37
CA SER A 396 19.74 24.19 13.14
C SER A 396 20.16 25.42 12.30
S SO4 B . -4.52 -21.87 -9.34
O1 SO4 B . -4.70 -21.44 -10.75
O2 SO4 B . -4.22 -23.32 -9.29
O3 SO4 B . -3.36 -21.19 -8.76
O4 SO4 B . -5.83 -21.63 -8.64
BR BR C . -1.18 -21.19 13.62
BR BR D . 2.03 -18.95 -4.28
S SO4 E . 1.67 8.98 13.34
O1 SO4 E . 1.32 10.38 13.01
O2 SO4 E . 1.44 8.12 12.16
O3 SO4 E . 3.05 8.82 13.79
O4 SO4 E . 0.75 8.56 14.40
BR BR F . 13.73 9.48 0.25
BR BR G . -1.14 9.26 -12.30
BR BR H . 0.47 4.85 5.63
S SO4 I . -2.00 6.49 17.98
O1 SO4 I . -0.91 7.48 18.23
O2 SO4 I . -2.32 6.51 16.52
O3 SO4 I . -1.57 5.13 18.40
O4 SO4 I . -3.19 6.93 18.75
BR BR J . 10.75 8.58 18.47
BR BR K . 16.76 0.19 0.63
BR BR L . -6.07 4.58 15.18
#